data_4E81
#
_entry.id   4E81
#
_cell.length_a   144.777
_cell.length_b   60.202
_cell.length_c   67.453
_cell.angle_alpha   90.00
_cell.angle_beta   90.00
_cell.angle_gamma   90.00
#
_symmetry.space_group_name_H-M   'P 21 21 2'
#
loop_
_entity.id
_entity.type
_entity.pdbx_description
1 polymer 'Chaperone protein DnaK'
2 polymer 'apidaecin peptide fragment'
3 non-polymer 'SULFATE ION'
4 water water
#
loop_
_entity_poly.entity_id
_entity_poly.type
_entity_poly.pdbx_seq_one_letter_code
_entity_poly.pdbx_strand_id
1 'polypeptide(L)'
;VLLLDVTPLSLGIETMGGVMTTLIAKNTTIPTKHSQVFSTAEDNQSAVTIHVLQGERKRAADNKSLGQFNLDGINPAPRG
MPQIEVTFDIDADGILHVSAKDKNSGKEQKITIKASSGLNEDEIQKMVRDAEANAEADRKFEELVQTRNQGDHLLHSTRK
QVEEAGDKLPADDKTAIESALTALETALKGEDKAAIEAKMQELAQVSQKLMEIAQQQHA
;
A,B
2 'polypeptide(L)' NRPVYIPRPP C,D
#
# COMPACT_ATOMS: atom_id res chain seq x y z
N VAL A 1 -2.35 37.94 -7.76
CA VAL A 1 -2.19 37.55 -9.21
C VAL A 1 -3.61 37.34 -9.66
N LEU A 2 -3.87 37.52 -10.96
CA LEU A 2 -5.23 37.34 -11.47
C LEU A 2 -5.45 36.00 -12.10
N LEU A 3 -4.34 35.39 -12.53
CA LEU A 3 -4.32 34.08 -13.18
C LEU A 3 -3.16 33.25 -12.60
N LEU A 4 -3.30 31.94 -12.79
CA LEU A 4 -2.29 30.94 -12.43
C LEU A 4 -2.22 29.92 -13.52
N ASP A 5 -0.98 29.47 -13.77
CA ASP A 5 -0.68 28.31 -14.67
C ASP A 5 -0.93 27.10 -13.79
N VAL A 6 -1.94 26.28 -14.10
CA VAL A 6 -2.26 25.09 -13.28
C VAL A 6 -2.50 23.83 -14.11
N THR A 7 -2.36 22.65 -13.46
CA THR A 7 -2.66 21.45 -14.17
C THR A 7 -4.16 21.32 -14.21
N PRO A 8 -4.74 21.16 -15.40
CA PRO A 8 -6.19 20.95 -15.45
C PRO A 8 -6.62 19.50 -15.14
N LEU A 9 -5.67 18.57 -15.12
CA LEU A 9 -5.94 17.17 -14.75
C LEU A 9 -4.74 16.54 -14.05
N SER A 10 -5.01 15.49 -13.29
CA SER A 10 -3.99 14.70 -12.64
C SER A 10 -3.03 14.14 -13.65
N LEU A 11 -1.78 14.11 -13.25
CA LEU A 11 -0.71 13.44 -13.99
C LEU A 11 -0.09 12.33 -13.15
N GLY A 12 0.13 11.14 -13.74
CA GLY A 12 0.69 10.04 -12.94
C GLY A 12 1.20 8.88 -13.78
N ILE A 13 1.39 7.71 -13.17
CA ILE A 13 1.81 6.53 -13.91
C ILE A 13 0.92 5.37 -13.64
N GLU A 14 0.94 4.36 -14.53
CA GLU A 14 0.25 3.13 -14.30
C GLU A 14 1.04 2.32 -13.25
N THR A 15 0.37 1.78 -12.23
CA THR A 15 1.01 0.88 -11.27
C THR A 15 0.31 -0.46 -11.20
N MET A 16 0.87 -1.38 -10.40
CA MET A 16 0.52 -2.80 -10.38
C MET A 16 -1.00 -2.97 -10.23
N GLY A 17 -1.60 -3.82 -11.06
CA GLY A 17 -3.02 -3.98 -11.02
C GLY A 17 -3.82 -3.20 -12.07
N GLY A 18 -3.21 -2.23 -12.72
CA GLY A 18 -3.76 -1.50 -13.85
C GLY A 18 -4.44 -0.25 -13.38
N VAL A 19 -3.90 0.32 -12.27
CA VAL A 19 -4.39 1.55 -11.73
C VAL A 19 -3.51 2.75 -12.10
N MET A 20 -4.10 3.92 -12.19
CA MET A 20 -3.31 5.09 -12.26
C MET A 20 -2.91 5.52 -10.84
N THR A 21 -1.64 5.81 -10.61
CA THR A 21 -1.18 6.43 -9.33
C THR A 21 -0.75 7.85 -9.61
N THR A 22 -1.30 8.83 -8.89
CA THR A 22 -1.06 10.22 -9.22
C THR A 22 0.31 10.71 -8.66
N LEU A 23 1.08 11.43 -9.47
CA LEU A 23 2.30 12.11 -9.02
C LEU A 23 2.10 13.62 -8.89
N ILE A 24 1.34 14.19 -9.80
CA ILE A 24 1.00 15.65 -9.69
C ILE A 24 -0.53 15.71 -9.73
N ALA A 25 -1.11 16.21 -8.66
CA ALA A 25 -2.59 16.40 -8.52
C ALA A 25 -3.20 17.39 -9.52
N LYS A 26 -4.47 17.15 -9.84
CA LYS A 26 -5.27 18.12 -10.60
C LYS A 26 -5.16 19.45 -9.84
N ASN A 27 -5.10 20.57 -10.58
CA ASN A 27 -5.14 21.91 -9.99
C ASN A 27 -3.92 22.27 -9.13
N THR A 28 -2.75 21.73 -9.51
CA THR A 28 -1.45 22.09 -8.97
C THR A 28 -0.85 23.26 -9.80
N THR A 29 -0.41 24.33 -9.10
CA THR A 29 0.15 25.43 -9.82
C THR A 29 1.60 25.15 -10.17
N ILE A 30 1.96 25.57 -11.38
CA ILE A 30 3.24 25.32 -12.04
C ILE A 30 4.03 26.59 -11.80
N PRO A 31 5.34 26.48 -11.52
CA PRO A 31 6.14 25.26 -11.54
C PRO A 31 5.97 24.31 -10.34
N THR A 32 6.13 23.02 -10.59
CA THR A 32 6.04 22.06 -9.56
C THR A 32 6.91 20.85 -9.93
N LYS A 33 7.29 20.10 -8.92
CA LYS A 33 8.09 18.90 -9.15
C LYS A 33 7.73 17.93 -8.04
N HIS A 34 7.61 16.64 -8.33
CA HIS A 34 7.31 15.66 -7.25
C HIS A 34 8.02 14.38 -7.57
N SER A 35 8.62 13.72 -6.56
CA SER A 35 9.34 12.45 -6.75
C SER A 35 8.68 11.47 -5.83
N GLN A 36 8.65 10.21 -6.22
CA GLN A 36 8.28 9.13 -5.30
C GLN A 36 9.05 7.85 -5.61
N VAL A 37 9.39 7.10 -4.57
CA VAL A 37 10.13 5.82 -4.75
C VAL A 37 9.12 4.69 -4.90
N PHE A 38 9.33 3.85 -5.91
CA PHE A 38 8.48 2.71 -6.12
C PHE A 38 9.36 1.48 -6.08
N SER A 39 8.73 0.27 -6.11
CA SER A 39 9.53 -0.96 -6.29
C SER A 39 8.88 -1.91 -7.30
N THR A 40 9.33 -3.16 -7.31
CA THR A 40 8.90 -4.15 -8.30
C THR A 40 7.76 -4.96 -7.70
N ALA A 41 6.94 -5.57 -8.57
CA ALA A 41 5.79 -6.32 -8.15
C ALA A 41 6.05 -7.84 -8.16
N GLU A 42 7.19 -8.28 -8.71
CA GLU A 42 7.59 -9.69 -8.65
C GLU A 42 9.09 -9.88 -8.54
N ASP A 43 9.50 -11.04 -7.99
CA ASP A 43 10.92 -11.44 -7.84
C ASP A 43 11.73 -11.31 -9.15
N ASN A 44 12.95 -10.81 -9.07
CA ASN A 44 13.87 -10.81 -10.21
C ASN A 44 13.54 -10.02 -11.44
N GLN A 45 12.67 -9.02 -11.33
CA GLN A 45 12.32 -8.20 -12.49
C GLN A 45 13.51 -7.33 -12.85
N SER A 46 13.91 -7.34 -14.13
CA SER A 46 15.14 -6.68 -14.58
C SER A 46 14.97 -5.28 -15.19
N ALA A 47 13.72 -4.93 -15.45
CA ALA A 47 13.42 -3.66 -16.14
C ALA A 47 12.01 -3.29 -15.73
N VAL A 48 11.66 -2.01 -15.85
CA VAL A 48 10.28 -1.63 -15.62
C VAL A 48 9.87 -0.68 -16.77
N THR A 49 8.59 -0.58 -17.03
CA THR A 49 8.06 0.39 -18.05
C THR A 49 7.27 1.44 -17.30
N ILE A 50 7.60 2.70 -17.56
CA ILE A 50 6.93 3.84 -16.92
C ILE A 50 5.92 4.37 -17.96
N HIS A 51 4.63 4.19 -17.65
CA HIS A 51 3.53 4.62 -18.48
C HIS A 51 2.84 5.83 -17.93
N VAL A 52 3.05 6.93 -18.64
CA VAL A 52 2.66 8.22 -18.14
C VAL A 52 1.20 8.51 -18.55
N LEU A 53 0.41 8.93 -17.59
CA LEU A 53 -1.05 9.12 -17.77
C LEU A 53 -1.50 10.51 -17.35
N GLN A 54 -2.53 11.00 -18.03
CA GLN A 54 -3.20 12.23 -17.65
C GLN A 54 -4.66 11.92 -17.52
N GLY A 55 -5.22 12.29 -16.39
CA GLY A 55 -6.63 12.20 -16.30
C GLY A 55 -7.04 11.87 -14.90
N GLU A 56 -8.32 11.63 -14.75
CA GLU A 56 -8.97 11.46 -13.44
C GLU A 56 -9.60 10.05 -13.17
N ARG A 57 -9.48 9.10 -14.10
CA ARG A 57 -10.07 7.77 -13.92
C ARG A 57 -9.14 6.81 -13.14
N LYS A 58 -9.68 5.90 -12.33
CA LYS A 58 -8.83 5.02 -11.50
C LYS A 58 -8.19 3.88 -12.31
N ARG A 59 -8.87 3.40 -13.34
CA ARG A 59 -8.31 2.42 -14.26
C ARG A 59 -7.39 3.14 -15.27
N ALA A 60 -6.17 2.70 -15.37
CA ALA A 60 -5.18 3.38 -16.20
C ALA A 60 -5.65 3.42 -17.67
N ALA A 61 -6.33 2.38 -18.14
CA ALA A 61 -6.75 2.31 -19.54
C ALA A 61 -7.79 3.40 -19.94
N ASP A 62 -8.46 3.97 -18.96
CA ASP A 62 -9.50 4.98 -19.18
C ASP A 62 -8.90 6.39 -19.17
N ASN A 63 -7.62 6.52 -18.79
CA ASN A 63 -6.90 7.80 -18.90
C ASN A 63 -6.21 8.01 -20.22
N LYS A 64 -5.79 9.27 -20.45
CA LYS A 64 -5.02 9.61 -21.61
C LYS A 64 -3.58 9.22 -21.43
N SER A 65 -3.08 8.39 -22.36
CA SER A 65 -1.68 7.99 -22.34
C SER A 65 -0.86 9.12 -22.94
N LEU A 66 0.09 9.65 -22.17
CA LEU A 66 1.03 10.70 -22.66
C LEU A 66 2.35 10.15 -23.20
N GLY A 67 2.77 8.95 -22.78
CA GLY A 67 4.00 8.40 -23.31
C GLY A 67 4.40 7.25 -22.42
N GLN A 68 5.51 6.61 -22.78
CA GLN A 68 6.13 5.62 -21.94
C GLN A 68 7.57 5.41 -22.32
N PHE A 69 8.32 4.79 -21.41
CA PHE A 69 9.73 4.49 -21.66
C PHE A 69 10.16 3.38 -20.71
N ASN A 70 11.32 2.73 -20.98
CA ASN A 70 11.82 1.68 -20.09
C ASN A 70 12.98 2.11 -19.27
N LEU A 71 13.06 1.55 -18.08
CA LEU A 71 14.29 1.59 -17.33
C LEU A 71 14.70 0.12 -17.14
N ASP A 72 15.83 -0.26 -17.71
CA ASP A 72 16.37 -1.60 -17.57
C ASP A 72 17.63 -1.63 -16.70
N GLY A 73 18.19 -2.83 -16.52
CA GLY A 73 19.47 -2.97 -15.83
C GLY A 73 19.25 -3.06 -14.34
N ILE A 74 18.02 -3.36 -13.95
CA ILE A 74 17.73 -3.64 -12.58
C ILE A 74 18.30 -5.01 -12.21
N ASN A 75 19.13 -4.98 -11.21
CA ASN A 75 19.62 -6.19 -10.63
C ASN A 75 18.58 -7.12 -10.03
N PRO A 76 18.71 -8.42 -10.28
CA PRO A 76 17.58 -9.23 -9.80
C PRO A 76 17.53 -9.34 -8.25
N ALA A 77 16.34 -9.12 -7.68
CA ALA A 77 16.18 -9.13 -6.25
C ALA A 77 14.75 -9.50 -5.96
N PRO A 78 14.48 -9.93 -4.72
CA PRO A 78 13.12 -10.24 -4.29
C PRO A 78 12.25 -9.02 -4.57
N ARG A 79 10.97 -9.26 -4.75
CA ARG A 79 10.02 -8.21 -5.09
C ARG A 79 9.99 -7.21 -3.97
N GLY A 80 9.85 -5.92 -4.32
CA GLY A 80 9.68 -4.88 -3.34
C GLY A 80 10.98 -4.33 -2.79
N MET A 81 12.12 -4.89 -3.21
CA MET A 81 13.46 -4.42 -2.71
C MET A 81 14.18 -3.31 -3.57
N PRO A 82 14.22 -3.43 -4.89
CA PRO A 82 14.74 -2.35 -5.74
C PRO A 82 14.02 -1.00 -5.51
N GLN A 83 14.73 0.10 -5.73
CA GLN A 83 14.30 1.43 -5.41
C GLN A 83 14.30 2.21 -6.72
N ILE A 84 13.12 2.48 -7.23
CA ILE A 84 12.97 3.09 -8.55
C ILE A 84 12.30 4.44 -8.29
N GLU A 85 13.07 5.50 -8.41
CA GLU A 85 12.61 6.81 -8.05
C GLU A 85 12.03 7.46 -9.31
N VAL A 86 10.74 7.83 -9.27
CA VAL A 86 10.12 8.41 -10.47
C VAL A 86 9.83 9.86 -10.14
N THR A 87 10.29 10.77 -11.01
CA THR A 87 10.19 12.21 -10.84
C THR A 87 9.36 12.79 -11.97
N PHE A 88 8.33 13.60 -11.60
CA PHE A 88 7.56 14.47 -12.58
C PHE A 88 7.97 15.90 -12.29
N ASP A 89 8.35 16.65 -13.33
CA ASP A 89 8.87 18.02 -13.17
C ASP A 89 8.24 18.86 -14.31
N ILE A 90 7.46 19.88 -13.93
CA ILE A 90 6.92 20.80 -14.92
C ILE A 90 7.21 22.19 -14.53
N ASP A 91 8.06 22.80 -15.36
CA ASP A 91 8.39 24.21 -15.14
C ASP A 91 7.47 25.16 -15.93
N ALA A 92 7.79 26.45 -15.96
CA ALA A 92 6.88 27.40 -16.68
C ALA A 92 6.53 27.06 -18.17
N ASP A 93 7.44 26.39 -18.90
CA ASP A 93 7.19 25.97 -20.32
C ASP A 93 6.08 24.98 -20.48
N GLY A 94 5.59 24.44 -19.37
CA GLY A 94 4.53 23.44 -19.50
C GLY A 94 5.01 22.17 -20.16
N ILE A 95 6.34 21.97 -20.23
CA ILE A 95 6.90 20.65 -20.68
C ILE A 95 7.02 19.66 -19.52
N LEU A 96 6.40 18.50 -19.68
CA LEU A 96 6.51 17.54 -18.55
C LEU A 96 7.74 16.67 -18.70
N HIS A 97 8.66 16.77 -17.70
CA HIS A 97 9.86 15.91 -17.69
C HIS A 97 9.57 14.75 -16.76
N VAL A 98 9.74 13.52 -17.25
CA VAL A 98 9.56 12.36 -16.37
C VAL A 98 10.87 11.57 -16.40
N SER A 99 11.36 11.24 -15.20
CA SER A 99 12.54 10.43 -15.15
C SER A 99 12.27 9.22 -14.21
N ALA A 100 13.01 8.15 -14.41
CA ALA A 100 12.96 7.01 -13.48
C ALA A 100 14.41 6.62 -13.24
N LYS A 101 14.75 6.40 -11.97
CA LYS A 101 16.15 6.22 -11.65
C LYS A 101 16.31 5.04 -10.71
N ASP A 102 17.28 4.17 -11.01
CA ASP A 102 17.48 3.01 -10.16
C ASP A 102 18.59 3.42 -9.21
N LYS A 103 18.24 3.43 -7.92
CA LYS A 103 19.07 4.08 -6.93
C LYS A 103 20.25 3.18 -6.55
N ASN A 104 20.22 1.94 -7.02
CA ASN A 104 21.32 1.01 -6.88
C ASN A 104 22.27 0.94 -8.09
N SER A 105 21.75 0.63 -9.27
CA SER A 105 22.57 0.54 -10.47
C SER A 105 23.00 1.94 -10.94
N GLY A 106 22.36 2.96 -10.38
CA GLY A 106 22.52 4.31 -10.85
C GLY A 106 21.93 4.60 -12.24
N LYS A 107 21.47 3.58 -13.01
CA LYS A 107 20.91 3.79 -14.35
C LYS A 107 19.67 4.72 -14.30
N GLU A 108 19.53 5.56 -15.30
CA GLU A 108 18.40 6.49 -15.31
C GLU A 108 17.90 6.64 -16.74
N GLN A 109 16.60 6.80 -16.92
CA GLN A 109 16.03 7.07 -18.27
C GLN A 109 15.05 8.22 -18.07
N LYS A 110 14.86 9.04 -19.13
CA LYS A 110 13.99 10.21 -18.99
C LYS A 110 13.26 10.43 -20.29
N ILE A 111 12.12 11.10 -20.26
CA ILE A 111 11.52 11.58 -21.48
C ILE A 111 10.93 12.95 -21.20
N THR A 112 10.59 13.63 -22.29
CA THR A 112 9.84 14.91 -22.18
C THR A 112 8.56 14.84 -22.97
N ILE A 113 7.52 15.47 -22.45
CA ILE A 113 6.21 15.40 -23.07
C ILE A 113 5.86 16.82 -23.32
N LYS A 114 5.75 17.23 -24.58
CA LYS A 114 5.51 18.66 -24.90
C LYS A 114 4.19 19.26 -24.36
N ALA A 115 4.16 20.60 -24.26
CA ALA A 115 3.00 21.33 -23.74
C ALA A 115 1.69 21.02 -24.50
N SER A 116 1.82 20.74 -25.76
CA SER A 116 0.63 20.45 -26.57
C SER A 116 0.01 19.04 -26.39
N SER A 117 0.67 18.12 -25.66
CA SER A 117 0.17 16.74 -25.49
C SER A 117 -1.04 16.61 -24.60
N GLY A 118 -1.63 15.42 -24.55
CA GLY A 118 -2.78 15.18 -23.67
C GLY A 118 -4.06 15.84 -24.21
N LEU A 119 -5.07 15.91 -23.38
CA LEU A 119 -6.40 16.24 -23.85
C LEU A 119 -6.56 17.73 -24.09
N ASN A 120 -7.31 18.10 -25.11
CA ASN A 120 -7.70 19.50 -25.31
C ASN A 120 -8.80 19.96 -24.33
N GLU A 121 -9.19 21.23 -24.40
CA GLU A 121 -10.15 21.79 -23.44
C GLU A 121 -11.50 21.06 -23.41
N ASP A 122 -12.04 20.75 -24.59
CA ASP A 122 -13.27 19.96 -24.68
C ASP A 122 -13.06 18.56 -24.06
N GLU A 123 -11.98 17.85 -24.47
CA GLU A 123 -11.70 16.52 -23.91
C GLU A 123 -11.43 16.58 -22.42
N ILE A 124 -10.80 17.66 -21.93
CA ILE A 124 -10.58 17.85 -20.48
C ILE A 124 -11.88 17.90 -19.74
N GLN A 125 -12.86 18.73 -20.17
CA GLN A 125 -14.15 18.76 -19.47
C GLN A 125 -14.91 17.41 -19.53
N LYS A 126 -14.89 16.76 -20.70
CA LYS A 126 -15.52 15.45 -20.86
C LYS A 126 -14.90 14.43 -19.91
N MET A 127 -13.57 14.39 -19.86
CA MET A 127 -12.86 13.57 -18.88
C MET A 127 -13.30 13.88 -17.42
N VAL A 128 -13.52 15.17 -17.12
CA VAL A 128 -13.89 15.52 -15.73
C VAL A 128 -15.31 15.01 -15.49
N ARG A 129 -16.15 15.13 -16.52
CA ARG A 129 -17.54 14.68 -16.36
C ARG A 129 -17.65 13.17 -16.39
N ASP A 130 -16.81 12.53 -17.21
CA ASP A 130 -16.80 11.05 -17.26
C ASP A 130 -16.36 10.50 -15.92
N ALA A 131 -15.38 11.15 -15.30
CA ALA A 131 -14.92 10.74 -13.96
C ALA A 131 -16.08 10.80 -13.01
N GLU A 132 -16.65 11.99 -12.88
CA GLU A 132 -17.91 12.15 -12.12
C GLU A 132 -18.98 11.02 -12.38
N ALA A 133 -19.39 10.86 -13.66
CA ALA A 133 -20.43 9.89 -14.07
C ALA A 133 -20.05 8.44 -13.72
N ASN A 134 -18.75 8.13 -13.67
CA ASN A 134 -18.37 6.77 -13.39
C ASN A 134 -17.75 6.61 -12.02
N ALA A 135 -17.97 7.58 -11.11
CA ALA A 135 -17.22 7.63 -9.81
C ALA A 135 -17.39 6.34 -9.07
N GLU A 136 -18.63 5.88 -9.03
CA GLU A 136 -19.09 4.64 -8.43
C GLU A 136 -18.21 3.40 -8.80
N ALA A 137 -18.25 3.09 -10.09
CA ALA A 137 -17.51 2.02 -10.71
C ALA A 137 -15.99 2.19 -10.53
N ASP A 138 -15.51 3.44 -10.60
CA ASP A 138 -14.06 3.69 -10.44
C ASP A 138 -13.60 3.35 -9.00
N ARG A 139 -14.37 3.75 -8.01
CA ARG A 139 -14.00 3.43 -6.63
C ARG A 139 -14.04 1.92 -6.39
N LYS A 140 -15.02 1.21 -6.97
CA LYS A 140 -15.08 -0.27 -6.75
C LYS A 140 -13.79 -0.91 -7.32
N PHE A 141 -13.32 -0.36 -8.43
CA PHE A 141 -12.19 -0.91 -9.13
C PHE A 141 -10.94 -0.69 -8.32
N GLU A 142 -10.81 0.52 -7.78
CA GLU A 142 -9.70 0.81 -6.87
C GLU A 142 -9.63 -0.13 -5.66
N GLU A 143 -10.73 -0.33 -5.00
CA GLU A 143 -10.78 -1.28 -3.89
C GLU A 143 -10.49 -2.73 -4.33
N LEU A 144 -11.02 -3.14 -5.51
CA LEU A 144 -10.78 -4.49 -6.00
C LEU A 144 -9.30 -4.68 -6.31
N VAL A 145 -8.68 -3.69 -6.92
CA VAL A 145 -7.25 -3.78 -7.20
C VAL A 145 -6.42 -3.86 -5.88
N GLN A 146 -6.75 -3.07 -4.87
CA GLN A 146 -5.98 -3.15 -3.66
C GLN A 146 -6.08 -4.53 -3.08
N THR A 147 -7.29 -5.11 -3.16
CA THR A 147 -7.48 -6.46 -2.66
C THR A 147 -6.74 -7.49 -3.50
N ARG A 148 -6.89 -7.43 -4.83
CA ARG A 148 -6.05 -8.25 -5.73
C ARG A 148 -4.57 -8.21 -5.44
N ASN A 149 -4.04 -7.02 -5.23
CA ASN A 149 -2.58 -6.92 -5.06
C ASN A 149 -2.18 -7.59 -3.71
N GLN A 150 -3.00 -7.37 -2.71
CA GLN A 150 -2.72 -7.99 -1.43
C GLN A 150 -2.81 -9.53 -1.55
N GLY A 151 -3.82 -10.03 -2.27
CA GLY A 151 -3.89 -11.48 -2.49
C GLY A 151 -2.74 -12.02 -3.30
N ASP A 152 -2.33 -11.28 -4.34
CA ASP A 152 -1.17 -11.66 -5.12
C ASP A 152 0.13 -11.79 -4.26
N HIS A 153 0.40 -10.83 -3.37
CA HIS A 153 1.58 -10.94 -2.50
C HIS A 153 1.46 -12.19 -1.62
N LEU A 154 0.25 -12.45 -1.09
CA LEU A 154 0.08 -13.59 -0.17
C LEU A 154 0.34 -14.91 -0.94
N LEU A 155 -0.27 -15.04 -2.12
CA LEU A 155 -0.04 -16.18 -3.04
C LEU A 155 1.45 -16.42 -3.25
N HIS A 156 2.15 -15.37 -3.67
CA HIS A 156 3.55 -15.55 -3.98
CA HIS A 156 3.60 -15.38 -3.95
C HIS A 156 4.44 -15.75 -2.77
N SER A 157 4.11 -15.13 -1.62
CA SER A 157 4.92 -15.40 -0.45
C SER A 157 4.73 -16.84 0.04
N THR A 158 3.50 -17.34 -0.02
CA THR A 158 3.18 -18.66 0.44
C THR A 158 3.94 -19.66 -0.45
N ARG A 159 3.94 -19.41 -1.76
CA ARG A 159 4.66 -20.28 -2.70
C ARG A 159 6.16 -20.32 -2.43
N LYS A 160 6.77 -19.17 -2.13
CA LYS A 160 8.16 -19.16 -1.68
C LYS A 160 8.35 -19.98 -0.43
N GLN A 161 7.45 -19.87 0.54
CA GLN A 161 7.71 -20.52 1.80
C GLN A 161 7.55 -22.02 1.67
N VAL A 162 6.62 -22.45 0.82
CA VAL A 162 6.56 -23.87 0.44
C VAL A 162 7.91 -24.37 -0.15
N GLU A 163 8.50 -23.63 -1.09
CA GLU A 163 9.83 -23.99 -1.67
C GLU A 163 10.91 -24.12 -0.61
N GLU A 164 11.16 -23.05 0.15
CA GLU A 164 12.09 -23.11 1.28
C GLU A 164 11.76 -24.25 2.26
N ALA A 165 10.49 -24.61 2.39
CA ALA A 165 10.12 -25.60 3.39
C ALA A 165 10.58 -27.00 2.99
N GLY A 166 10.49 -27.31 1.69
CA GLY A 166 10.86 -28.63 1.18
C GLY A 166 10.12 -29.77 1.85
N ASP A 167 10.78 -30.92 1.96
CA ASP A 167 10.11 -32.12 2.53
C ASP A 167 9.80 -31.97 4.02
N LYS A 168 10.24 -30.85 4.60
CA LYS A 168 9.89 -30.48 5.97
C LYS A 168 8.36 -30.29 6.11
N LEU A 169 7.69 -29.88 5.02
CA LEU A 169 6.23 -29.74 5.06
C LEU A 169 5.61 -31.10 4.81
N PRO A 170 4.72 -31.56 5.73
CA PRO A 170 3.90 -32.75 5.53
C PRO A 170 3.17 -32.74 4.18
N ALA A 171 3.21 -33.86 3.48
CA ALA A 171 2.49 -34.06 2.23
C ALA A 171 1.01 -33.58 2.34
N ASP A 172 0.26 -34.13 3.29
CA ASP A 172 -1.06 -33.66 3.72
C ASP A 172 -1.23 -32.09 3.65
N ASP A 173 -0.48 -31.34 4.46
CA ASP A 173 -0.60 -29.89 4.39
C ASP A 173 -0.21 -29.27 3.05
N LYS A 174 0.89 -29.78 2.47
CA LYS A 174 1.40 -29.32 1.15
C LYS A 174 0.30 -29.39 0.11
N THR A 175 -0.38 -30.51 0.07
CA THR A 175 -1.53 -30.66 -0.84
C THR A 175 -2.70 -29.69 -0.51
N ALA A 176 -3.07 -29.57 0.78
CA ALA A 176 -4.13 -28.60 1.19
C ALA A 176 -3.77 -27.09 0.88
N ILE A 177 -2.53 -26.71 1.14
CA ILE A 177 -2.03 -25.36 0.79
C ILE A 177 -2.18 -25.13 -0.75
N GLU A 178 -1.74 -26.12 -1.54
CA GLU A 178 -1.69 -25.99 -2.99
C GLU A 178 -3.09 -25.77 -3.55
N SER A 179 -4.05 -26.47 -2.98
CA SER A 179 -5.46 -26.26 -3.26
C SER A 179 -5.94 -24.81 -3.00
N ALA A 180 -5.54 -24.25 -1.85
CA ALA A 180 -6.06 -22.96 -1.43
C ALA A 180 -5.43 -21.89 -2.30
N LEU A 181 -4.21 -22.17 -2.70
CA LEU A 181 -3.46 -21.30 -3.56
C LEU A 181 -4.12 -21.24 -4.91
N THR A 182 -4.52 -22.40 -5.41
CA THR A 182 -5.18 -22.41 -6.67
C THR A 182 -6.51 -21.68 -6.61
N ALA A 183 -7.31 -21.92 -5.56
CA ALA A 183 -8.57 -21.19 -5.41
C ALA A 183 -8.38 -19.65 -5.32
N LEU A 184 -7.36 -19.21 -4.60
CA LEU A 184 -7.15 -17.80 -4.47
C LEU A 184 -6.75 -17.25 -5.86
N GLU A 185 -5.87 -17.96 -6.53
CA GLU A 185 -5.46 -17.55 -7.88
C GLU A 185 -6.70 -17.34 -8.81
N THR A 186 -7.66 -18.26 -8.69
CA THR A 186 -8.91 -18.20 -9.46
C THR A 186 -9.72 -16.97 -9.01
N ALA A 187 -9.81 -16.73 -7.70
CA ALA A 187 -10.64 -15.63 -7.23
C ALA A 187 -10.05 -14.28 -7.70
N LEU A 188 -8.71 -14.23 -7.77
CA LEU A 188 -7.95 -13.06 -8.21
C LEU A 188 -8.32 -12.64 -9.62
N LYS A 189 -8.54 -13.62 -10.48
CA LYS A 189 -8.95 -13.27 -11.85
C LYS A 189 -10.32 -12.59 -11.95
N GLY A 190 -11.20 -12.82 -10.97
CA GLY A 190 -12.56 -12.28 -10.98
C GLY A 190 -12.69 -10.85 -10.49
N GLU A 191 -13.93 -10.37 -10.36
CA GLU A 191 -14.18 -8.98 -9.97
C GLU A 191 -14.88 -8.88 -8.61
N ASP A 192 -14.91 -10.01 -7.89
CA ASP A 192 -15.66 -10.10 -6.64
C ASP A 192 -14.64 -9.90 -5.48
N LYS A 193 -14.64 -8.71 -4.90
CA LYS A 193 -13.65 -8.41 -3.87
C LYS A 193 -13.83 -9.30 -2.64
N ALA A 194 -15.06 -9.55 -2.18
CA ALA A 194 -15.28 -10.39 -0.97
C ALA A 194 -14.81 -11.82 -1.15
N ALA A 195 -14.91 -12.31 -2.38
CA ALA A 195 -14.50 -13.65 -2.68
C ALA A 195 -12.98 -13.80 -2.59
N ILE A 196 -12.25 -12.82 -3.10
CA ILE A 196 -10.81 -12.79 -2.88
C ILE A 196 -10.45 -12.79 -1.36
N GLU A 197 -11.15 -11.96 -0.59
CA GLU A 197 -10.90 -11.86 0.84
C GLU A 197 -11.15 -13.22 1.53
N ALA A 198 -12.20 -13.96 1.08
CA ALA A 198 -12.52 -15.24 1.75
C ALA A 198 -11.44 -16.26 1.36
N LYS A 199 -11.00 -16.25 0.12
CA LYS A 199 -9.91 -17.13 -0.29
C LYS A 199 -8.57 -16.82 0.42
N MET A 200 -8.28 -15.55 0.70
CA MET A 200 -7.07 -15.15 1.49
C MET A 200 -7.16 -15.77 2.87
N GLN A 201 -8.29 -15.57 3.50
CA GLN A 201 -8.50 -16.15 4.84
C GLN A 201 -8.46 -17.67 4.81
N GLU A 202 -8.99 -18.28 3.76
CA GLU A 202 -9.05 -19.75 3.72
C GLU A 202 -7.62 -20.30 3.57
N LEU A 203 -6.80 -19.62 2.77
CA LEU A 203 -5.40 -20.05 2.59
C LEU A 203 -4.60 -19.88 3.91
N ALA A 204 -4.82 -18.78 4.62
CA ALA A 204 -4.10 -18.62 5.88
C ALA A 204 -4.58 -19.73 6.87
N GLN A 205 -5.86 -20.11 6.81
CA GLN A 205 -6.37 -21.26 7.61
C GLN A 205 -5.55 -22.55 7.45
N VAL A 206 -5.25 -22.95 6.23
CA VAL A 206 -4.52 -24.21 6.01
C VAL A 206 -3.01 -24.11 6.13
N SER A 207 -2.50 -22.90 6.35
CA SER A 207 -1.04 -22.62 6.43
C SER A 207 -0.42 -22.69 7.80
N GLN A 208 -1.20 -23.01 8.84
CA GLN A 208 -0.62 -23.06 10.19
C GLN A 208 0.71 -23.89 10.31
N LYS A 209 0.74 -25.13 9.86
CA LYS A 209 1.97 -25.94 9.92
C LYS A 209 3.09 -25.25 9.08
N LEU A 210 2.75 -24.75 7.89
CA LEU A 210 3.71 -24.02 7.05
C LEU A 210 4.36 -22.84 7.83
N MET A 211 3.54 -22.07 8.55
CA MET A 211 4.06 -20.87 9.20
C MET A 211 5.03 -21.21 10.31
N GLU A 212 4.74 -22.29 11.05
CA GLU A 212 5.66 -22.81 12.09
C GLU A 212 6.99 -23.31 11.57
N ILE A 213 6.98 -23.93 10.40
CA ILE A 213 8.19 -24.44 9.78
C ILE A 213 9.12 -23.29 9.48
N ALA A 214 8.60 -22.23 8.85
CA ALA A 214 9.41 -21.09 8.45
C ALA A 214 10.26 -20.56 9.61
N VAL B 1 -37.98 9.96 -0.32
CA VAL B 1 -37.61 10.32 1.09
C VAL B 1 -37.09 11.76 1.05
N LEU B 2 -37.26 12.45 2.16
CA LEU B 2 -36.88 13.84 2.29
C LEU B 2 -35.63 13.95 3.11
N LEU B 3 -35.34 12.90 3.86
CA LEU B 3 -34.12 12.85 4.63
C LEU B 3 -33.52 11.48 4.63
N LEU B 4 -32.26 11.43 5.06
CA LEU B 4 -31.50 10.21 5.14
C LEU B 4 -30.64 10.25 6.41
N ASP B 5 -30.43 9.08 7.04
CA ASP B 5 -29.43 8.92 8.08
C ASP B 5 -28.06 8.67 7.39
N VAL B 6 -27.09 9.50 7.70
CA VAL B 6 -25.81 9.40 7.01
C VAL B 6 -24.65 9.58 7.99
N THR B 7 -23.49 8.99 7.64
CA THR B 7 -22.33 9.21 8.49
C THR B 7 -21.80 10.53 8.14
N PRO B 8 -21.62 11.40 9.16
CA PRO B 8 -21.15 12.73 8.91
C PRO B 8 -19.64 12.78 8.64
N LEU B 9 -18.97 11.72 9.09
CA LEU B 9 -17.49 11.58 8.91
C LEU B 9 -17.12 10.14 8.57
N SER B 10 -16.03 9.98 7.83
CA SER B 10 -15.40 8.68 7.69
C SER B 10 -15.11 7.98 9.02
N LEU B 11 -15.23 6.67 8.96
CA LEU B 11 -14.86 5.75 10.07
C LEU B 11 -13.87 4.73 9.56
N GLY B 12 -12.86 4.44 10.39
CA GLY B 12 -11.93 3.38 10.09
C GLY B 12 -11.02 3.05 11.24
N ILE B 13 -9.82 2.54 10.91
CA ILE B 13 -8.88 2.05 11.90
C ILE B 13 -7.48 2.60 11.69
N GLU B 14 -6.69 2.62 12.75
CA GLU B 14 -5.35 3.05 12.60
C GLU B 14 -4.53 1.90 11.97
N THR B 15 -3.69 2.16 10.96
CA THR B 15 -2.81 1.14 10.49
C THR B 15 -1.37 1.58 10.45
N MET B 16 -0.53 0.64 10.07
CA MET B 16 0.93 0.71 10.20
C MET B 16 1.44 2.06 9.71
N GLY B 17 2.29 2.69 10.54
CA GLY B 17 2.82 4.06 10.25
C GLY B 17 1.92 5.16 10.87
N GLY B 18 0.84 4.78 11.54
CA GLY B 18 -0.04 5.75 12.18
C GLY B 18 -0.91 6.51 11.21
N VAL B 19 -1.45 5.82 10.21
CA VAL B 19 -2.35 6.41 9.27
C VAL B 19 -3.75 5.93 9.60
N MET B 20 -4.78 6.68 9.21
CA MET B 20 -6.15 6.12 9.30
C MET B 20 -6.46 5.40 7.97
N THR B 21 -6.97 4.17 8.05
CA THR B 21 -7.49 3.45 6.89
C THR B 21 -8.99 3.44 6.95
N THR B 22 -9.68 3.99 5.92
CA THR B 22 -11.12 4.17 6.00
C THR B 22 -11.89 2.87 5.68
N LEU B 23 -12.83 2.51 6.53
CA LEU B 23 -13.76 1.37 6.30
C LEU B 23 -15.13 1.86 5.79
N ILE B 24 -15.64 2.95 6.34
CA ILE B 24 -16.92 3.58 5.85
C ILE B 24 -16.69 5.03 5.54
N ALA B 25 -16.74 5.36 4.24
CA ALA B 25 -16.58 6.73 3.78
C ALA B 25 -17.60 7.71 4.40
N LYS B 26 -17.18 8.96 4.59
CA LYS B 26 -18.09 10.07 5.00
C LYS B 26 -19.38 10.06 4.14
N ASN B 27 -20.53 10.41 4.72
CA ASN B 27 -21.85 10.49 3.98
C ASN B 27 -22.30 9.20 3.35
N THR B 28 -21.99 8.10 4.01
CA THR B 28 -22.53 6.81 3.66
C THR B 28 -23.88 6.70 4.40
N THR B 29 -24.92 6.37 3.66
CA THR B 29 -26.24 6.11 4.21
C THR B 29 -26.22 4.90 5.13
N ILE B 30 -26.89 5.01 6.28
CA ILE B 30 -26.93 3.91 7.22
C ILE B 30 -28.36 3.36 7.26
N PRO B 31 -28.53 2.06 7.60
CA PRO B 31 -27.55 1.01 7.95
C PRO B 31 -26.60 0.61 6.84
N THR B 32 -25.40 0.12 7.21
CA THR B 32 -24.37 -0.22 6.22
C THR B 32 -23.39 -1.15 6.89
N LYS B 33 -22.69 -1.93 6.10
CA LYS B 33 -21.73 -2.87 6.66
C LYS B 33 -20.60 -2.98 5.69
N HIS B 34 -19.35 -2.91 6.17
CA HIS B 34 -18.17 -2.97 5.25
C HIS B 34 -17.07 -3.73 5.93
N SER B 35 -16.34 -4.53 5.16
CA SER B 35 -15.24 -5.40 5.68
C SER B 35 -13.92 -5.16 4.90
N GLN B 36 -12.74 -5.23 5.54
CA GLN B 36 -11.50 -5.35 4.81
C GLN B 36 -10.65 -6.35 5.57
N VAL B 37 -9.71 -6.95 4.87
CA VAL B 37 -8.79 -7.86 5.54
C VAL B 37 -7.45 -7.17 5.82
N PHE B 38 -6.95 -7.31 7.03
CA PHE B 38 -5.65 -6.70 7.43
C PHE B 38 -4.69 -7.80 7.81
N SER B 39 -3.41 -7.49 8.05
CA SER B 39 -2.43 -8.49 8.46
C SER B 39 -1.51 -7.89 9.53
N THR B 40 -0.53 -8.67 9.99
CA THR B 40 0.39 -8.19 11.06
C THR B 40 1.46 -7.32 10.42
N ALA B 41 2.01 -6.39 11.22
CA ALA B 41 3.04 -5.48 10.78
C ALA B 41 4.40 -6.07 11.00
N GLU B 42 4.55 -6.97 11.96
CA GLU B 42 5.91 -7.53 12.27
C GLU B 42 5.85 -9.05 12.36
N ASP B 43 6.95 -9.68 12.05
CA ASP B 43 7.10 -11.14 12.21
C ASP B 43 6.70 -11.66 13.60
N ASN B 44 5.91 -12.73 13.62
CA ASN B 44 5.48 -13.40 14.86
C ASN B 44 4.63 -12.55 15.72
N GLN B 45 3.99 -11.52 15.17
CA GLN B 45 3.14 -10.66 15.98
C GLN B 45 2.04 -11.53 16.60
N SER B 46 1.84 -11.47 17.91
CA SER B 46 0.78 -12.36 18.47
C SER B 46 -0.59 -11.71 18.71
N ALA B 47 -0.60 -10.36 18.62
CA ALA B 47 -1.84 -9.62 18.70
C ALA B 47 -1.85 -8.41 17.81
N VAL B 48 -3.06 -7.99 17.47
CA VAL B 48 -3.32 -6.76 16.73
C VAL B 48 -4.31 -5.90 17.51
N THR B 49 -4.09 -4.60 17.47
CA THR B 49 -5.02 -3.71 18.09
C THR B 49 -5.84 -3.09 16.95
N ILE B 50 -7.16 -3.15 17.12
CA ILE B 50 -8.16 -2.55 16.21
C ILE B 50 -8.58 -1.23 16.88
N HIS B 51 -7.99 -0.13 16.40
CA HIS B 51 -8.16 1.20 17.03
C HIS B 51 -9.12 1.97 16.16
N VAL B 52 -10.35 2.14 16.62
CA VAL B 52 -11.39 2.76 15.76
C VAL B 52 -11.30 4.30 15.78
N LEU B 53 -11.37 4.90 14.59
CA LEU B 53 -11.15 6.33 14.38
C LEU B 53 -12.32 6.96 13.61
N GLN B 54 -12.66 8.18 13.99
CA GLN B 54 -13.64 8.97 13.21
C GLN B 54 -13.00 10.26 12.70
N GLY B 55 -13.04 10.50 11.40
CA GLY B 55 -12.52 11.75 10.92
C GLY B 55 -12.04 11.77 9.49
N GLU B 56 -11.55 12.91 9.06
CA GLU B 56 -11.04 12.98 7.69
C GLU B 56 -9.54 13.17 7.57
N ARG B 57 -8.74 12.92 8.59
CA ARG B 57 -7.30 13.30 8.49
C ARG B 57 -6.51 12.05 8.13
N LYS B 58 -5.34 12.19 7.52
CA LYS B 58 -4.59 10.98 7.17
C LYS B 58 -3.80 10.48 8.35
N ARG B 59 -3.32 11.35 9.24
CA ARG B 59 -2.64 10.93 10.47
C ARG B 59 -3.68 10.41 11.51
N ALA B 60 -3.53 9.17 12.05
CA ALA B 60 -4.53 8.63 12.95
C ALA B 60 -4.69 9.58 14.08
N ALA B 61 -3.57 10.09 14.55
CA ALA B 61 -3.57 10.96 15.75
C ALA B 61 -4.44 12.26 15.57
N ASP B 62 -4.62 12.71 14.35
CA ASP B 62 -5.49 13.90 14.15
C ASP B 62 -6.97 13.61 14.07
N ASN B 63 -7.38 12.34 14.13
CA ASN B 63 -8.79 11.99 14.08
C ASN B 63 -9.31 11.74 15.49
N LYS B 64 -10.58 11.52 15.59
CA LYS B 64 -11.20 11.30 16.88
C LYS B 64 -11.19 9.82 17.25
N SER B 65 -10.59 9.49 18.39
CA SER B 65 -10.53 8.09 18.82
C SER B 65 -11.88 7.62 19.40
N LEU B 66 -12.42 6.54 18.84
CA LEU B 66 -13.73 5.96 19.36
C LEU B 66 -13.54 4.76 20.29
N GLY B 67 -12.34 4.22 20.38
CA GLY B 67 -12.09 3.07 21.33
C GLY B 67 -11.25 2.07 20.57
N GLN B 68 -10.91 0.94 21.19
CA GLN B 68 -10.03 -0.03 20.56
C GLN B 68 -10.12 -1.29 21.32
N PHE B 69 -9.73 -2.38 20.67
CA PHE B 69 -9.64 -3.66 21.37
C PHE B 69 -8.49 -4.46 20.79
N ASN B 70 -8.06 -5.52 21.45
CA ASN B 70 -7.07 -6.39 20.85
C ASN B 70 -7.69 -7.67 20.35
N LEU B 71 -7.17 -8.21 19.26
CA LEU B 71 -7.39 -9.61 18.91
C LEU B 71 -6.05 -10.35 19.10
N ASP B 72 -6.04 -11.37 19.98
CA ASP B 72 -4.80 -12.06 20.28
C ASP B 72 -4.82 -13.49 19.85
N GLY B 73 -3.78 -14.24 20.25
CA GLY B 73 -3.60 -15.65 19.87
C GLY B 73 -3.39 -15.86 18.39
N ILE B 74 -2.76 -14.86 17.76
CA ILE B 74 -2.38 -14.98 16.37
C ILE B 74 -1.16 -15.93 16.35
N ASN B 75 -1.24 -17.02 15.55
CA ASN B 75 -0.20 -18.04 15.54
C ASN B 75 1.05 -17.44 14.93
N PRO B 76 2.23 -17.89 15.35
CA PRO B 76 3.52 -17.47 14.80
C PRO B 76 3.59 -17.55 13.28
N ALA B 77 3.97 -16.43 12.62
CA ALA B 77 3.98 -16.35 11.14
C ALA B 77 4.76 -15.12 10.72
N PRO B 78 5.35 -15.10 9.47
CA PRO B 78 6.05 -13.87 9.03
C PRO B 78 5.02 -12.75 8.88
N ARG B 79 5.47 -11.51 8.95
CA ARG B 79 4.54 -10.40 8.79
C ARG B 79 3.83 -10.54 7.49
N GLY B 80 2.63 -9.98 7.40
CA GLY B 80 1.80 -10.03 6.19
C GLY B 80 1.12 -11.37 5.92
N MET B 81 1.40 -12.40 6.71
CA MET B 81 0.75 -13.68 6.37
C MET B 81 -0.61 -13.92 7.03
N PRO B 82 -0.76 -13.61 8.33
CA PRO B 82 -2.07 -13.77 8.93
C PRO B 82 -3.07 -12.93 8.22
N GLN B 83 -4.33 -13.34 8.26
CA GLN B 83 -5.33 -12.62 7.52
C GLN B 83 -6.46 -12.35 8.48
N ILE B 84 -6.60 -11.09 8.91
CA ILE B 84 -7.59 -10.71 9.91
C ILE B 84 -8.73 -9.89 9.29
N GLU B 85 -9.96 -10.45 9.31
CA GLU B 85 -11.06 -9.72 8.65
C GLU B 85 -11.67 -8.72 9.64
N VAL B 86 -11.66 -7.43 9.31
CA VAL B 86 -12.27 -6.38 10.20
C VAL B 86 -13.55 -5.84 9.59
N THR B 87 -14.64 -5.91 10.37
CA THR B 87 -15.97 -5.56 9.87
C THR B 87 -16.51 -4.39 10.66
N PHE B 88 -17.01 -3.37 9.96
CA PHE B 88 -17.70 -2.21 10.53
C PHE B 88 -19.14 -2.34 10.13
N ASP B 89 -20.06 -2.29 11.10
CA ASP B 89 -21.45 -2.53 10.83
C ASP B 89 -22.21 -1.52 11.69
N ILE B 90 -22.87 -0.57 11.01
CA ILE B 90 -23.67 0.48 11.65
C ILE B 90 -25.10 0.14 11.44
N ASP B 91 -25.77 -0.21 12.55
CA ASP B 91 -27.12 -0.68 12.43
C ASP B 91 -28.11 0.48 12.38
N ALA B 92 -29.39 0.13 12.34
CA ALA B 92 -30.44 1.10 12.09
C ALA B 92 -30.55 2.14 13.21
N ASP B 93 -29.96 1.86 14.38
CA ASP B 93 -30.02 2.78 15.52
C ASP B 93 -28.80 3.70 15.48
N GLY B 94 -27.90 3.46 14.53
CA GLY B 94 -26.72 4.27 14.49
C GLY B 94 -25.63 3.72 15.38
N ILE B 95 -25.81 2.51 15.90
CA ILE B 95 -24.78 1.93 16.75
C ILE B 95 -23.70 1.26 15.88
N LEU B 96 -22.45 1.55 16.15
CA LEU B 96 -21.39 0.94 15.39
C LEU B 96 -20.84 -0.36 16.07
N HIS B 97 -20.88 -1.47 15.35
CA HIS B 97 -20.26 -2.71 15.87
C HIS B 97 -19.06 -2.98 15.04
N VAL B 98 -17.93 -3.08 15.69
CA VAL B 98 -16.70 -3.41 14.97
C VAL B 98 -16.15 -4.75 15.44
N SER B 99 -15.84 -5.63 14.48
CA SER B 99 -15.30 -6.91 14.89
C SER B 99 -14.07 -7.31 14.09
N ALA B 100 -13.35 -8.30 14.59
CA ALA B 100 -12.13 -8.75 13.94
C ALA B 100 -12.12 -10.22 14.18
N LYS B 101 -11.81 -10.97 13.11
CA LYS B 101 -11.84 -12.41 13.07
C LYS B 101 -10.62 -13.00 12.42
N ASP B 102 -10.04 -14.03 13.07
CA ASP B 102 -8.82 -14.71 12.54
C ASP B 102 -9.23 -16.13 12.35
N LYS B 103 -9.49 -16.53 11.10
CA LYS B 103 -9.93 -17.88 10.90
C LYS B 103 -8.89 -18.92 11.25
N ASN B 104 -7.62 -18.57 11.13
CA ASN B 104 -6.49 -19.49 11.37
C ASN B 104 -6.48 -19.91 12.85
N SER B 105 -6.51 -18.96 13.78
CA SER B 105 -6.66 -19.27 15.24
C SER B 105 -8.08 -19.61 15.64
N GLY B 106 -9.09 -19.22 14.83
CA GLY B 106 -10.50 -19.39 15.22
C GLY B 106 -11.05 -18.32 16.18
N LYS B 107 -10.27 -17.29 16.45
CA LYS B 107 -10.69 -16.32 17.46
C LYS B 107 -11.33 -15.08 16.83
N GLU B 108 -12.20 -14.43 17.61
CA GLU B 108 -12.70 -13.12 17.23
C GLU B 108 -12.85 -12.24 18.46
N GLN B 109 -12.98 -10.95 18.23
CA GLN B 109 -13.23 -9.99 19.29
C GLN B 109 -14.03 -8.86 18.64
N LYS B 110 -14.74 -8.12 19.46
CA LYS B 110 -15.54 -7.01 19.03
C LYS B 110 -15.69 -5.93 20.06
N ILE B 111 -16.18 -4.81 19.57
CA ILE B 111 -16.52 -3.64 20.40
C ILE B 111 -17.88 -3.08 19.88
N THR B 112 -18.69 -2.53 20.79
CA THR B 112 -19.89 -1.78 20.41
C THR B 112 -19.66 -0.35 20.80
N ILE B 113 -19.88 0.56 19.87
CA ILE B 113 -19.73 1.98 20.09
C ILE B 113 -21.09 2.65 19.84
N LYS B 114 -21.59 3.37 20.85
CA LYS B 114 -22.96 3.86 20.85
C LYS B 114 -23.11 5.04 19.92
N ALA B 115 -24.34 5.35 19.50
CA ALA B 115 -24.56 6.33 18.40
C ALA B 115 -24.11 7.76 18.74
N SER B 116 -24.01 8.04 20.05
CA SER B 116 -23.64 9.40 20.52
C SER B 116 -22.13 9.62 20.60
N SER B 117 -21.36 8.55 20.41
CA SER B 117 -19.92 8.60 20.50
C SER B 117 -19.38 9.54 19.43
N GLY B 118 -18.11 9.95 19.60
CA GLY B 118 -17.42 10.75 18.57
C GLY B 118 -17.74 12.24 18.64
N LEU B 119 -17.43 12.95 17.58
CA LEU B 119 -17.53 14.42 17.48
C LEU B 119 -18.96 14.94 17.39
N ASN B 120 -19.24 16.06 18.07
CA ASN B 120 -20.50 16.75 17.98
C ASN B 120 -20.63 17.57 16.70
N GLU B 121 -21.79 18.20 16.45
CA GLU B 121 -21.96 18.87 15.13
C GLU B 121 -20.96 19.99 14.86
N ASP B 122 -20.72 20.88 15.81
CA ASP B 122 -19.59 21.86 15.73
C ASP B 122 -18.22 21.26 15.43
N GLU B 123 -17.87 20.16 16.11
CA GLU B 123 -16.56 19.48 15.93
C GLU B 123 -16.47 18.77 14.58
N ILE B 124 -17.61 18.24 14.09
CA ILE B 124 -17.69 17.66 12.74
C ILE B 124 -17.39 18.75 11.68
N GLN B 125 -18.03 19.91 11.79
CA GLN B 125 -17.73 20.95 10.81
C GLN B 125 -16.27 21.42 10.98
N LYS B 126 -15.78 21.55 12.22
CA LYS B 126 -14.35 21.91 12.37
C LYS B 126 -13.38 20.93 11.66
N MET B 127 -13.71 19.65 11.75
CA MET B 127 -12.94 18.51 11.20
C MET B 127 -12.96 18.56 9.65
N VAL B 128 -14.14 18.77 9.07
CA VAL B 128 -14.22 18.96 7.61
C VAL B 128 -13.35 20.14 7.13
N ARG B 129 -13.40 21.28 7.85
CA ARG B 129 -12.66 22.51 7.48
C ARG B 129 -11.12 22.34 7.72
N ASP B 130 -10.79 21.65 8.79
CA ASP B 130 -9.40 21.24 9.06
C ASP B 130 -8.81 20.28 8.03
N ALA B 131 -9.55 19.24 7.61
CA ALA B 131 -9.01 18.30 6.62
C ALA B 131 -8.69 19.08 5.37
N GLU B 132 -9.59 19.98 5.04
CA GLU B 132 -9.43 20.78 3.86
C GLU B 132 -8.23 21.75 3.95
N ALA B 133 -8.11 22.44 5.09
CA ALA B 133 -7.03 23.38 5.36
C ALA B 133 -5.68 22.66 5.28
N ASN B 134 -5.67 21.38 5.67
CA ASN B 134 -4.41 20.67 5.73
C ASN B 134 -4.15 19.68 4.57
N ALA B 135 -4.79 19.86 3.42
CA ALA B 135 -4.78 18.75 2.50
C ALA B 135 -3.35 18.52 1.98
N GLU B 136 -2.61 19.61 1.75
CA GLU B 136 -1.17 19.50 1.37
C GLU B 136 -0.29 18.72 2.40
N ALA B 137 -0.37 19.08 3.67
CA ALA B 137 0.34 18.38 4.69
C ALA B 137 -0.08 16.93 4.74
N ASP B 138 -1.39 16.67 4.75
CA ASP B 138 -1.87 15.27 4.81
C ASP B 138 -1.40 14.42 3.64
N ARG B 139 -1.43 14.99 2.45
CA ARG B 139 -0.87 14.33 1.28
C ARG B 139 0.65 13.96 1.49
N LYS B 140 1.47 14.90 1.96
CA LYS B 140 2.89 14.66 2.27
C LYS B 140 3.05 13.60 3.33
N PHE B 141 2.16 13.59 4.32
CA PHE B 141 2.23 12.55 5.29
C PHE B 141 1.98 11.18 4.64
N GLU B 142 0.98 11.05 3.80
CA GLU B 142 0.73 9.79 3.10
C GLU B 142 1.93 9.33 2.28
N GLU B 143 2.55 10.23 1.56
CA GLU B 143 3.74 9.86 0.84
C GLU B 143 4.92 9.48 1.78
N LEU B 144 5.05 10.13 2.94
CA LEU B 144 6.00 9.69 3.97
C LEU B 144 5.72 8.24 4.41
N VAL B 145 4.43 7.96 4.77
CA VAL B 145 4.06 6.63 5.22
C VAL B 145 4.39 5.55 4.21
N GLN B 146 4.08 5.81 2.95
CA GLN B 146 4.46 4.96 1.84
C GLN B 146 5.98 4.65 1.80
N THR B 147 6.81 5.71 1.83
CA THR B 147 8.26 5.53 1.89
C THR B 147 8.73 4.78 3.14
N ARG B 148 8.14 5.06 4.31
CA ARG B 148 8.57 4.32 5.50
C ARG B 148 8.17 2.86 5.36
N ASN B 149 6.95 2.58 4.87
CA ASN B 149 6.55 1.18 4.65
C ASN B 149 7.48 0.39 3.66
N GLN B 150 7.90 1.05 2.59
CA GLN B 150 8.91 0.44 1.71
C GLN B 150 10.27 0.26 2.39
N GLY B 151 10.68 1.27 3.15
CA GLY B 151 11.89 1.13 3.92
C GLY B 151 11.84 -0.03 4.88
N ASP B 152 10.68 -0.15 5.54
CA ASP B 152 10.48 -1.23 6.52
C ASP B 152 10.62 -2.62 5.84
N HIS B 153 10.08 -2.74 4.62
CA HIS B 153 10.24 -3.98 3.89
C HIS B 153 11.69 -4.25 3.50
N LEU B 154 12.35 -3.21 3.04
CA LEU B 154 13.78 -3.32 2.65
C LEU B 154 14.60 -3.79 3.88
N LEU B 155 14.26 -3.24 5.05
CA LEU B 155 14.92 -3.56 6.32
C LEU B 155 14.73 -5.02 6.74
N HIS B 156 13.48 -5.45 6.74
CA HIS B 156 13.21 -6.82 7.03
C HIS B 156 13.69 -7.82 5.99
N SER B 157 13.57 -7.50 4.72
CA SER B 157 14.03 -8.38 3.65
C SER B 157 15.55 -8.58 3.73
N THR B 158 16.28 -7.49 3.99
CA THR B 158 17.75 -7.50 4.01
C THR B 158 18.15 -8.36 5.21
N ARG B 159 17.43 -8.24 6.32
CA ARG B 159 17.80 -9.01 7.50
C ARG B 159 17.61 -10.51 7.22
N LYS B 160 16.56 -10.87 6.47
CA LYS B 160 16.32 -12.29 6.12
C LYS B 160 17.50 -12.83 5.29
N GLN B 161 17.91 -12.04 4.30
CA GLN B 161 19.05 -12.41 3.42
C GLN B 161 20.37 -12.60 4.13
N VAL B 162 20.67 -11.67 5.05
CA VAL B 162 21.83 -11.84 5.95
C VAL B 162 21.85 -13.18 6.70
N GLU B 163 20.72 -13.50 7.34
CA GLU B 163 20.56 -14.76 8.05
C GLU B 163 20.77 -15.97 7.12
N GLU B 164 20.16 -15.94 5.93
CA GLU B 164 20.32 -17.03 4.93
C GLU B 164 21.73 -17.13 4.37
N ALA B 165 22.40 -15.98 4.26
CA ALA B 165 23.77 -15.93 3.75
C ALA B 165 24.74 -16.60 4.73
N GLY B 166 24.57 -16.35 6.04
CA GLY B 166 25.38 -17.03 7.04
C GLY B 166 26.82 -16.63 6.77
N ASP B 167 27.77 -17.54 6.95
CA ASP B 167 29.18 -17.16 6.83
C ASP B 167 29.68 -16.98 5.41
N LYS B 168 28.82 -17.19 4.41
CA LYS B 168 29.08 -16.75 3.04
C LYS B 168 29.29 -15.25 2.94
N LEU B 169 28.73 -14.47 3.87
CA LEU B 169 28.85 -13.03 3.77
C LEU B 169 30.14 -12.63 4.50
N PRO B 170 31.10 -11.97 3.82
CA PRO B 170 32.37 -11.62 4.44
C PRO B 170 32.20 -10.72 5.64
N ALA B 171 33.09 -10.83 6.62
CA ALA B 171 32.92 -10.08 7.88
C ALA B 171 32.75 -8.58 7.60
N ASP B 172 33.54 -8.07 6.64
CA ASP B 172 33.46 -6.65 6.22
C ASP B 172 32.06 -6.19 5.81
N ASP B 173 31.44 -6.96 4.92
CA ASP B 173 30.07 -6.70 4.57
C ASP B 173 29.08 -6.88 5.68
N LYS B 174 29.26 -7.88 6.56
CA LYS B 174 28.26 -8.12 7.66
C LYS B 174 28.17 -6.84 8.56
N THR B 175 29.32 -6.28 9.00
CA THR B 175 29.32 -5.08 9.87
C THR B 175 28.80 -3.85 9.12
N ALA B 176 29.10 -3.72 7.80
CA ALA B 176 28.63 -2.56 7.01
C ALA B 176 27.10 -2.57 6.87
N ILE B 177 26.55 -3.73 6.52
CA ILE B 177 25.13 -3.91 6.32
C ILE B 177 24.45 -3.68 7.65
N GLU B 178 24.97 -4.30 8.71
CA GLU B 178 24.38 -4.04 10.05
C GLU B 178 24.35 -2.56 10.41
N SER B 179 25.44 -1.81 10.18
CA SER B 179 25.44 -0.36 10.45
C SER B 179 24.35 0.36 9.68
N ALA B 180 24.15 -0.06 8.43
CA ALA B 180 23.22 0.61 7.53
C ALA B 180 21.78 0.25 7.90
N LEU B 181 21.57 -1.00 8.36
CA LEU B 181 20.20 -1.47 8.79
C LEU B 181 19.80 -0.64 9.98
N THR B 182 20.76 -0.45 10.90
CA THR B 182 20.49 0.19 12.18
C THR B 182 20.11 1.67 11.91
N ALA B 183 20.91 2.32 11.08
CA ALA B 183 20.65 3.72 10.64
C ALA B 183 19.35 3.85 9.87
N LEU B 184 19.03 2.89 8.99
CA LEU B 184 17.75 2.99 8.34
C LEU B 184 16.61 2.80 9.36
N GLU B 185 16.79 1.82 10.22
CA GLU B 185 15.82 1.67 11.29
C GLU B 185 15.55 2.95 12.09
N THR B 186 16.59 3.73 12.42
CA THR B 186 16.43 4.94 13.15
C THR B 186 15.70 5.99 12.29
N ALA B 187 16.12 6.15 11.05
CA ALA B 187 15.48 7.16 10.17
C ALA B 187 13.98 6.86 9.98
N LEU B 188 13.59 5.59 10.03
CA LEU B 188 12.19 5.19 9.82
C LEU B 188 11.28 5.70 10.92
N LYS B 189 11.88 5.99 12.07
CA LYS B 189 11.14 6.51 13.21
C LYS B 189 10.73 7.95 12.98
N GLY B 190 11.47 8.67 12.18
CA GLY B 190 11.24 10.08 12.11
C GLY B 190 10.35 10.42 10.91
N GLU B 191 10.32 11.69 10.58
CA GLU B 191 9.38 12.19 9.55
C GLU B 191 10.06 12.91 8.42
N ASP B 192 11.32 12.60 8.18
CA ASP B 192 12.08 13.27 7.13
C ASP B 192 12.14 12.28 5.98
N LYS B 193 11.38 12.53 4.94
CA LYS B 193 11.33 11.54 3.87
C LYS B 193 12.66 11.45 3.11
N ALA B 194 13.34 12.56 2.85
CA ALA B 194 14.61 12.52 2.06
C ALA B 194 15.67 11.69 2.86
N ALA B 195 15.75 11.90 4.18
CA ALA B 195 16.62 11.10 5.07
C ALA B 195 16.39 9.56 5.03
N ILE B 196 15.13 9.16 5.01
CA ILE B 196 14.79 7.77 4.87
C ILE B 196 15.26 7.24 3.51
N GLU B 197 14.98 7.98 2.44
CA GLU B 197 15.37 7.60 1.07
C GLU B 197 16.92 7.44 0.97
N ALA B 198 17.63 8.37 1.57
CA ALA B 198 19.09 8.31 1.57
C ALA B 198 19.58 7.07 2.38
N LYS B 199 19.02 6.80 3.57
CA LYS B 199 19.37 5.54 4.29
C LYS B 199 19.02 4.25 3.53
N MET B 200 17.92 4.23 2.82
CA MET B 200 17.57 3.09 1.93
C MET B 200 18.61 2.94 0.84
N GLN B 201 18.90 4.04 0.14
CA GLN B 201 19.94 4.01 -0.91
C GLN B 201 21.30 3.51 -0.36
N GLU B 202 21.74 4.06 0.79
CA GLU B 202 23.01 3.66 1.39
C GLU B 202 23.07 2.18 1.77
N LEU B 203 21.94 1.65 2.24
CA LEU B 203 21.86 0.25 2.57
C LEU B 203 22.05 -0.59 1.32
N ALA B 204 21.40 -0.22 0.21
CA ALA B 204 21.64 -0.91 -1.06
C ALA B 204 23.11 -0.84 -1.48
N GLN B 205 23.73 0.32 -1.32
CA GLN B 205 25.17 0.43 -1.64
C GLN B 205 26.12 -0.51 -0.89
N VAL B 206 25.80 -0.93 0.32
CA VAL B 206 26.71 -1.84 1.06
C VAL B 206 26.17 -3.29 0.98
N SER B 207 25.10 -3.49 0.24
CA SER B 207 24.52 -4.84 0.06
C SER B 207 24.91 -5.58 -1.23
N GLN B 208 25.92 -5.11 -1.99
CA GLN B 208 26.24 -5.69 -3.32
C GLN B 208 26.64 -7.17 -3.21
N LYS B 209 27.54 -7.47 -2.27
CA LYS B 209 28.00 -8.83 -2.13
C LYS B 209 26.78 -9.62 -1.70
N LEU B 210 26.01 -9.06 -0.76
CA LEU B 210 24.86 -9.78 -0.23
C LEU B 210 23.91 -10.14 -1.37
N MET B 211 23.69 -9.23 -2.31
CA MET B 211 22.71 -9.55 -3.36
C MET B 211 23.19 -10.71 -4.21
N GLU B 212 24.49 -10.73 -4.51
CA GLU B 212 25.10 -11.81 -5.32
C GLU B 212 24.94 -13.18 -4.66
N ILE B 213 25.29 -13.24 -3.37
CA ILE B 213 25.04 -14.41 -2.52
C ILE B 213 23.57 -14.87 -2.55
N ALA B 214 22.65 -13.93 -2.31
CA ALA B 214 21.24 -14.25 -2.31
C ALA B 214 20.78 -14.76 -3.63
N GLN B 215 21.26 -14.20 -4.74
CA GLN B 215 20.84 -14.70 -6.05
C GLN B 215 21.33 -16.13 -6.23
N GLN B 216 22.58 -16.36 -5.83
CA GLN B 216 23.12 -17.73 -5.91
C GLN B 216 22.36 -18.75 -5.06
N GLN B 217 21.90 -18.37 -3.88
CA GLN B 217 21.14 -19.31 -3.06
C GLN B 217 19.81 -19.78 -3.67
N HIS B 218 19.24 -18.99 -4.58
CA HIS B 218 17.93 -19.35 -5.16
C HIS B 218 17.91 -19.80 -6.61
N ARG C 2 0.91 2.18 2.74
CA ARG C 2 0.76 1.19 1.64
C ARG C 2 1.78 1.32 0.44
N PRO C 3 2.91 0.56 0.45
CA PRO C 3 3.92 0.74 -0.62
C PRO C 3 3.33 0.37 -1.98
N VAL C 4 3.85 0.96 -3.08
CA VAL C 4 3.23 0.74 -4.41
C VAL C 4 4.28 0.17 -5.36
N TYR C 5 3.84 -0.51 -6.39
CA TYR C 5 4.75 -1.22 -7.27
C TYR C 5 4.42 -0.99 -8.72
N ILE C 6 5.43 -1.05 -9.54
CA ILE C 6 5.19 -0.78 -10.96
C ILE C 6 4.99 -2.14 -11.64
N PRO C 7 4.17 -2.24 -12.71
CA PRO C 7 4.01 -3.64 -13.11
C PRO C 7 5.20 -4.14 -13.90
N ARG C 8 5.34 -5.47 -14.00
CA ARG C 8 6.34 -6.01 -14.90
C ARG C 8 6.02 -5.55 -16.33
N PRO C 9 7.05 -5.13 -17.07
CA PRO C 9 6.76 -4.90 -18.47
C PRO C 9 6.32 -6.24 -19.15
N PRO C 10 5.14 -6.24 -19.77
N ARG D 2 9.59 -5.61 22.37
CA ARG D 2 8.48 -4.69 22.16
C ARG D 2 7.57 -5.33 21.10
N PRO D 3 6.45 -5.92 21.52
CA PRO D 3 5.54 -6.38 20.48
C PRO D 3 4.98 -5.14 19.75
N VAL D 4 4.45 -5.38 18.56
CA VAL D 4 3.90 -4.31 17.72
C VAL D 4 2.44 -4.69 17.81
N TYR D 5 1.50 -3.72 17.84
CA TYR D 5 0.07 -4.04 17.86
C TYR D 5 -0.71 -3.61 16.62
N ILE D 6 -0.30 -2.50 16.02
CA ILE D 6 -1.12 -1.84 14.91
C ILE D 6 -0.95 -2.69 13.65
N PRO D 7 -2.06 -2.98 12.98
CA PRO D 7 -1.96 -3.89 11.84
C PRO D 7 -1.58 -3.19 10.53
N ARG D 8 -1.24 -3.94 9.51
CA ARG D 8 -1.05 -3.27 8.23
C ARG D 8 -2.20 -3.57 7.25
N PRO D 9 -2.45 -2.64 6.30
CA PRO D 9 -3.52 -2.77 5.36
C PRO D 9 -3.44 -4.10 4.67
N PRO D 10 -4.58 -4.65 4.33
#